data_4XUC
#
_entry.id   4XUC
#
_cell.length_a   43.741
_cell.length_b   57.201
_cell.length_c   98.182
_cell.angle_alpha   90.000
_cell.angle_beta   90.000
_cell.angle_gamma   90.000
#
_symmetry.space_group_name_H-M   'P 21 21 21'
#
loop_
_entity.id
_entity.type
_entity.pdbx_description
1 polymer 'Catechol O-methyltransferase'
2 non-polymer 1-(biphenyl-3-yl)-3-hydroxypyridin-4(1H)-one
3 non-polymer 'MAGNESIUM ION'
4 non-polymer S-ADENOSYLMETHIONINE
5 non-polymer '2-(N-MORPHOLINO)-ETHANESULFONIC ACID'
6 water water
#
_entity_poly.entity_id   1
_entity_poly.type   'polypeptide(L)'
_entity_poly.pdbx_seq_one_letter_code
;NLLAGDTKEQRILNHVLQHAEPGNAQSVLEAIDTYCEQKEWAMNVGDKKGKIVDAVIQEHQPSVLLELGAYCGYSAVRMA
RLLSPGARLITIEINPDCAAITQRMVDFAGVKDKVTLVVGASQDIIPQLKKKYDVDTLDMVFLDHWKDRYLPDTLLLEEC
GLLRKGTVLLADNVICPGAPDFLAHVRGSSCFECTHYQSFLEYREVVDGLEKAIYKGP
;
_entity_poly.pdbx_strand_id   A
#
# COMPACT_ATOMS: atom_id res chain seq x y z
N ASN A 1 -14.74 -19.58 4.54
CA ASN A 1 -15.89 -19.57 3.60
C ASN A 1 -16.41 -18.14 3.33
N LEU A 2 -17.57 -18.01 2.72
CA LEU A 2 -18.03 -16.71 2.22
C LEU A 2 -18.54 -15.80 3.33
N LEU A 3 -18.48 -14.51 3.06
CA LEU A 3 -19.08 -13.52 3.93
C LEU A 3 -20.48 -13.18 3.40
N ALA A 4 -21.20 -12.31 4.10
CA ALA A 4 -22.62 -12.07 3.77
C ALA A 4 -22.79 -11.39 2.42
N GLY A 5 -21.84 -10.54 2.04
CA GLY A 5 -21.92 -9.77 0.81
C GLY A 5 -22.76 -8.51 0.97
N ASP A 6 -22.94 -8.08 2.21
CA ASP A 6 -23.64 -6.82 2.53
C ASP A 6 -22.90 -5.55 2.12
N THR A 7 -21.57 -5.62 2.12
CA THR A 7 -20.76 -4.46 1.79
C THR A 7 -19.97 -4.73 0.53
N LYS A 8 -19.51 -3.66 -0.11
CA LYS A 8 -18.67 -3.75 -1.29
C LYS A 8 -17.45 -4.61 -0.97
N GLU A 9 -16.89 -4.42 0.22
CA GLU A 9 -15.67 -5.13 0.62
C GLU A 9 -15.89 -6.63 0.74
N GLN A 10 -17.00 -7.05 1.38
CA GLN A 10 -17.34 -8.47 1.45
C GLN A 10 -17.56 -9.06 0.07
N ARG A 11 -18.24 -8.33 -0.81
CA ARG A 11 -18.52 -8.81 -2.16
C ARG A 11 -17.24 -8.96 -2.98
N ILE A 12 -16.28 -8.05 -2.74
CA ILE A 12 -14.98 -8.15 -3.40
C ILE A 12 -14.25 -9.42 -2.89
N LEU A 13 -14.19 -9.62 -1.58
CA LEU A 13 -13.58 -10.85 -1.08
C LEU A 13 -14.31 -12.09 -1.61
N ASN A 14 -15.65 -12.07 -1.55
CA ASN A 14 -16.45 -13.22 -2.01
C ASN A 14 -16.15 -13.61 -3.44
N HIS A 15 -15.99 -12.60 -4.31
CA HIS A 15 -15.66 -12.78 -5.72
C HIS A 15 -14.30 -13.44 -5.86
N VAL A 16 -13.32 -12.98 -5.08
CA VAL A 16 -12.02 -13.64 -5.11
C VAL A 16 -12.11 -15.10 -4.66
N LEU A 17 -12.77 -15.35 -3.54
CA LEU A 17 -12.88 -16.69 -2.97
C LEU A 17 -13.57 -17.67 -3.95
N GLN A 18 -14.49 -17.14 -4.74
CA GLN A 18 -15.28 -17.95 -5.70
C GLN A 18 -14.66 -18.06 -7.09
N HIS A 19 -13.82 -17.09 -7.43
CA HIS A 19 -13.45 -16.84 -8.82
C HIS A 19 -11.95 -16.69 -9.09
N ALA A 20 -11.10 -16.82 -8.07
CA ALA A 20 -9.64 -16.75 -8.25
C ALA A 20 -9.05 -18.06 -7.82
N GLU A 21 -7.84 -18.32 -8.26
CA GLU A 21 -7.14 -19.55 -7.92
C GLU A 21 -6.51 -19.41 -6.54
N PRO A 22 -6.89 -20.28 -5.59
CA PRO A 22 -6.30 -20.19 -4.24
C PRO A 22 -4.80 -20.33 -4.32
N GLY A 23 -4.08 -19.44 -3.62
CA GLY A 23 -2.59 -19.48 -3.62
C GLY A 23 -1.90 -18.79 -4.78
N ASN A 24 -2.68 -18.27 -5.71
CA ASN A 24 -2.13 -17.60 -6.88
C ASN A 24 -2.38 -16.10 -6.71
N ALA A 25 -1.35 -15.35 -6.32
CA ALA A 25 -1.50 -13.91 -6.11
C ALA A 25 -1.89 -13.15 -7.38
N GLN A 26 -1.30 -13.54 -8.52
CA GLN A 26 -1.67 -12.92 -9.81
C GLN A 26 -3.15 -13.11 -10.13
N SER A 27 -3.67 -14.32 -9.89
CA SER A 27 -5.08 -14.61 -10.12
C SER A 27 -5.96 -13.75 -9.21
N VAL A 28 -5.54 -13.61 -7.95
CA VAL A 28 -6.24 -12.75 -7.01
C VAL A 28 -6.29 -11.29 -7.51
N LEU A 29 -5.15 -10.73 -7.91
CA LEU A 29 -5.12 -9.34 -8.38
C LEU A 29 -6.05 -9.16 -9.58
N GLU A 30 -5.99 -10.12 -10.50
CA GLU A 30 -6.78 -10.05 -11.72
C GLU A 30 -8.27 -10.08 -11.42
N ALA A 31 -8.65 -10.88 -10.41
CA ALA A 31 -10.05 -11.07 -10.04
C ALA A 31 -10.60 -9.79 -9.39
N ILE A 32 -9.77 -9.17 -8.55
CA ILE A 32 -10.17 -7.90 -7.94
C ILE A 32 -10.33 -6.80 -9.00
N ASP A 33 -9.35 -6.70 -9.89
CA ASP A 33 -9.35 -5.66 -10.90
C ASP A 33 -10.49 -5.85 -11.88
N THR A 34 -10.79 -7.10 -12.24
CA THR A 34 -11.90 -7.37 -13.15
C THR A 34 -13.23 -6.99 -12.52
N TYR A 35 -13.46 -7.42 -11.29
CA TYR A 35 -14.70 -7.13 -10.56
C TYR A 35 -14.92 -5.61 -10.41
N CYS A 36 -13.85 -4.92 -10.04
CA CYS A 36 -13.94 -3.48 -9.83
C CYS A 36 -14.06 -2.68 -11.12
N GLU A 37 -13.53 -3.20 -12.22
CA GLU A 37 -13.71 -2.57 -13.54
C GLU A 37 -15.13 -2.77 -14.02
N GLN A 38 -15.70 -3.92 -13.69
CA GLN A 38 -16.95 -4.34 -14.29
C GLN A 38 -18.17 -4.11 -13.42
N LYS A 39 -18.02 -4.29 -12.10
CA LYS A 39 -19.17 -4.33 -11.20
C LYS A 39 -19.25 -3.16 -10.23
N GLU A 40 -18.20 -2.94 -9.43
CA GLU A 40 -18.25 -1.91 -8.40
C GLU A 40 -16.89 -1.25 -8.30
N TRP A 41 -16.83 0.06 -8.53
CA TRP A 41 -15.57 0.76 -8.37
C TRP A 41 -15.07 0.54 -6.96
N ALA A 42 -13.75 0.45 -6.78
CA ALA A 42 -13.23 0.47 -5.41
C ALA A 42 -11.83 1.06 -5.36
N MET A 43 -11.42 1.53 -4.20
CA MET A 43 -10.21 2.37 -4.11
C MET A 43 -8.89 1.58 -4.04
N ASN A 44 -8.81 0.46 -4.74
CA ASN A 44 -7.53 -0.26 -4.91
C ASN A 44 -6.61 0.53 -5.79
N VAL A 45 -5.29 0.39 -5.61
CA VAL A 45 -4.36 1.14 -6.49
C VAL A 45 -4.55 0.70 -7.98
N GLY A 46 -5.02 -0.53 -8.18
CA GLY A 46 -5.44 -1.02 -9.50
C GLY A 46 -4.28 -1.47 -10.37
N ASP A 47 -4.58 -1.95 -11.58
CA ASP A 47 -3.53 -2.56 -12.41
C ASP A 47 -2.51 -1.59 -13.04
N LYS A 48 -2.94 -0.44 -13.57
CA LYS A 48 -1.98 0.47 -14.22
C LYS A 48 -1.01 1.11 -13.24
N LYS A 49 -1.54 1.66 -12.16
CA LYS A 49 -0.67 2.24 -11.14
C LYS A 49 0.07 1.13 -10.40
N GLY A 50 -0.61 -0.02 -10.27
CA GLY A 50 0.00 -1.23 -9.70
C GLY A 50 1.27 -1.59 -10.44
N LYS A 51 1.27 -1.44 -11.77
CA LYS A 51 2.49 -1.73 -12.53
C LYS A 51 3.65 -0.83 -12.14
N ILE A 52 3.33 0.41 -11.76
CA ILE A 52 4.33 1.38 -11.33
C ILE A 52 4.88 0.98 -9.98
N VAL A 53 3.97 0.63 -9.05
CA VAL A 53 4.40 0.10 -7.75
C VAL A 53 5.33 -1.11 -7.91
N ASP A 54 4.91 -2.04 -8.77
CA ASP A 54 5.75 -3.21 -9.14
C ASP A 54 7.17 -2.80 -9.53
N ALA A 55 7.27 -1.87 -10.49
CA ALA A 55 8.56 -1.33 -10.99
C ALA A 55 9.46 -0.71 -9.91
N VAL A 56 8.85 0.04 -9.02
CA VAL A 56 9.57 0.65 -7.91
C VAL A 56 10.17 -0.44 -7.02
N ILE A 57 9.36 -1.45 -6.69
CA ILE A 57 9.84 -2.58 -5.88
C ILE A 57 10.95 -3.35 -6.62
N GLN A 58 10.75 -3.60 -7.91
CA GLN A 58 11.73 -4.33 -8.73
C GLN A 58 13.07 -3.58 -8.77
N GLU A 59 13.02 -2.26 -8.92
CA GLU A 59 14.25 -1.47 -8.97
C GLU A 59 14.99 -1.42 -7.62
N HIS A 60 14.24 -1.14 -6.56
CA HIS A 60 14.87 -0.84 -5.26
C HIS A 60 14.99 -2.03 -4.34
N GLN A 61 14.31 -3.12 -4.69
CA GLN A 61 14.40 -4.39 -3.96
C GLN A 61 14.29 -4.25 -2.43
N PRO A 62 13.19 -3.65 -1.95
CA PRO A 62 13.06 -3.50 -0.50
C PRO A 62 12.84 -4.87 0.16
N SER A 63 13.30 -4.98 1.41
CA SER A 63 13.05 -6.15 2.24
C SER A 63 12.19 -5.82 3.44
N VAL A 64 12.16 -4.55 3.83
CA VAL A 64 11.31 -4.11 4.92
C VAL A 64 10.42 -3.00 4.36
N LEU A 65 9.13 -3.31 4.21
CA LEU A 65 8.19 -2.41 3.59
C LEU A 65 7.08 -2.07 4.55
N LEU A 66 6.64 -0.81 4.50
CA LEU A 66 5.50 -0.38 5.28
C LEU A 66 4.39 0.15 4.35
N GLU A 67 3.15 -0.28 4.56
CA GLU A 67 2.02 0.24 3.79
C GLU A 67 1.06 0.97 4.73
N LEU A 68 0.62 2.16 4.35
CA LEU A 68 -0.35 2.92 5.14
C LEU A 68 -1.63 2.89 4.33
N GLY A 69 -2.59 2.11 4.84
CA GLY A 69 -3.94 1.95 4.24
C GLY A 69 -4.01 0.67 3.42
N ALA A 70 -4.63 -0.38 3.99
CA ALA A 70 -4.66 -1.73 3.40
C ALA A 70 -5.94 -1.96 2.61
N TYR A 71 -7.05 -1.47 3.17
CA TYR A 71 -8.39 -1.65 2.60
C TYR A 71 -8.75 -3.13 2.49
N CYS A 72 -8.80 -3.69 1.27
CA CYS A 72 -9.12 -5.11 1.09
C CYS A 72 -7.91 -5.99 0.82
N GLY A 73 -6.72 -5.39 0.77
CA GLY A 73 -5.46 -6.11 0.68
C GLY A 73 -4.87 -6.22 -0.71
N TYR A 74 -5.47 -5.53 -1.69
CA TYR A 74 -5.01 -5.56 -3.08
C TYR A 74 -3.53 -5.17 -3.21
N SER A 75 -3.17 -3.98 -2.70
CA SER A 75 -1.79 -3.56 -2.79
C SER A 75 -0.88 -4.40 -1.92
N ALA A 76 -1.40 -4.91 -0.80
CA ALA A 76 -0.56 -5.75 0.06
C ALA A 76 -0.20 -7.04 -0.71
N VAL A 77 -1.18 -7.62 -1.40
CA VAL A 77 -0.90 -8.83 -2.20
C VAL A 77 0.03 -8.49 -3.35
N ARG A 78 -0.25 -7.36 -4.00
CA ARG A 78 0.51 -6.89 -5.13
C ARG A 78 1.99 -6.71 -4.78
N MET A 79 2.27 -6.07 -3.65
CA MET A 79 3.65 -5.88 -3.24
C MET A 79 4.27 -7.17 -2.69
N ALA A 80 3.51 -7.93 -1.90
CA ALA A 80 4.11 -9.09 -1.22
C ALA A 80 4.53 -10.16 -2.23
N ARG A 81 3.73 -10.34 -3.29
CA ARG A 81 4.04 -11.35 -4.33
C ARG A 81 5.42 -11.19 -4.97
N LEU A 82 5.95 -9.97 -4.90
CA LEU A 82 7.23 -9.61 -5.50
C LEU A 82 8.40 -9.78 -4.55
N LEU A 83 8.13 -10.02 -3.27
CA LEU A 83 9.19 -9.97 -2.25
C LEU A 83 10.03 -11.24 -2.20
N SER A 84 11.30 -11.09 -1.84
CA SER A 84 12.20 -12.24 -1.69
C SER A 84 11.90 -12.98 -0.38
N PRO A 85 12.32 -14.25 -0.26
CA PRO A 85 12.26 -14.93 1.03
C PRO A 85 12.85 -14.09 2.17
N GLY A 86 12.14 -14.02 3.28
CA GLY A 86 12.59 -13.23 4.43
C GLY A 86 12.25 -11.74 4.40
N ALA A 87 11.64 -11.26 3.31
CA ALA A 87 11.16 -9.87 3.27
C ALA A 87 9.85 -9.79 4.05
N ARG A 88 9.52 -8.58 4.53
CA ARG A 88 8.39 -8.38 5.44
C ARG A 88 7.65 -7.14 4.97
N LEU A 89 6.34 -7.25 4.77
CA LEU A 89 5.50 -6.09 4.54
C LEU A 89 4.66 -5.89 5.80
N ILE A 90 4.79 -4.73 6.43
CA ILE A 90 3.90 -4.35 7.54
C ILE A 90 2.86 -3.43 6.91
N THR A 91 1.59 -3.77 7.10
CA THR A 91 0.50 -2.92 6.61
C THR A 91 -0.45 -2.49 7.71
N ILE A 92 -0.79 -1.19 7.71
CA ILE A 92 -1.57 -0.60 8.80
C ILE A 92 -2.93 -0.23 8.24
N GLU A 93 -3.98 -0.66 8.95
CA GLU A 93 -5.36 -0.38 8.54
C GLU A 93 -6.22 -0.01 9.77
N ILE A 94 -6.88 1.14 9.72
CA ILE A 94 -7.60 1.67 10.88
C ILE A 94 -8.96 0.99 11.09
N ASN A 95 -9.57 0.54 9.99
CA ASN A 95 -10.91 -0.03 10.04
C ASN A 95 -10.83 -1.54 10.23
N PRO A 96 -11.35 -2.03 11.38
CA PRO A 96 -11.25 -3.45 11.75
C PRO A 96 -11.93 -4.38 10.75
N ASP A 97 -13.05 -3.95 10.16
CA ASP A 97 -13.71 -4.76 9.12
C ASP A 97 -12.87 -4.92 7.87
N CYS A 98 -12.26 -3.82 7.44
CA CYS A 98 -11.34 -3.84 6.31
C CYS A 98 -10.13 -4.73 6.62
N ALA A 99 -9.58 -4.54 7.82
CA ALA A 99 -8.41 -5.35 8.22
C ALA A 99 -8.73 -6.86 8.16
N ALA A 100 -9.91 -7.25 8.62
CA ALA A 100 -10.32 -8.66 8.61
C ALA A 100 -10.37 -9.18 7.16
N ILE A 101 -10.87 -8.37 6.23
CA ILE A 101 -10.92 -8.74 4.81
C ILE A 101 -9.49 -8.86 4.26
N THR A 102 -8.65 -7.89 4.61
CA THR A 102 -7.27 -7.87 4.14
C THR A 102 -6.55 -9.14 4.54
N GLN A 103 -6.74 -9.60 5.79
CA GLN A 103 -6.05 -10.81 6.24
C GLN A 103 -6.56 -12.00 5.45
N ARG A 104 -7.86 -12.04 5.16
CA ARG A 104 -8.38 -13.15 4.37
C ARG A 104 -7.85 -13.12 2.97
N MET A 105 -7.73 -11.92 2.41
CA MET A 105 -7.22 -11.73 1.06
C MET A 105 -5.75 -12.19 0.99
N VAL A 106 -4.97 -11.75 1.97
CA VAL A 106 -3.54 -12.11 2.04
C VAL A 106 -3.34 -13.61 2.16
N ASP A 107 -4.13 -14.24 3.02
CA ASP A 107 -4.02 -15.67 3.25
C ASP A 107 -4.35 -16.40 1.95
N PHE A 108 -5.47 -16.02 1.34
CA PHE A 108 -5.95 -16.69 0.11
C PHE A 108 -4.94 -16.58 -1.01
N ALA A 109 -4.32 -15.41 -1.16
CA ALA A 109 -3.35 -15.17 -2.21
C ALA A 109 -2.00 -15.90 -2.00
N GLY A 110 -1.82 -16.54 -0.85
CA GLY A 110 -0.60 -17.34 -0.61
C GLY A 110 0.58 -16.55 -0.07
N VAL A 111 0.33 -15.33 0.41
CA VAL A 111 1.43 -14.42 0.80
C VAL A 111 1.43 -14.10 2.31
N LYS A 112 0.66 -14.87 3.08
CA LYS A 112 0.49 -14.68 4.52
C LYS A 112 1.83 -14.50 5.26
N ASP A 113 2.82 -15.30 4.90
CA ASP A 113 4.08 -15.31 5.63
C ASP A 113 4.89 -14.04 5.48
N LYS A 114 4.59 -13.26 4.44
CA LYS A 114 5.31 -12.00 4.14
C LYS A 114 4.67 -10.77 4.79
N VAL A 115 3.47 -10.94 5.32
CA VAL A 115 2.62 -9.79 5.73
C VAL A 115 2.37 -9.75 7.22
N THR A 116 2.59 -8.58 7.79
CA THR A 116 2.16 -8.27 9.14
C THR A 116 1.11 -7.14 9.12
N LEU A 117 -0.14 -7.52 9.32
CA LEU A 117 -1.25 -6.58 9.30
C LEU A 117 -1.47 -6.07 10.70
N VAL A 118 -1.52 -4.74 10.85
CA VAL A 118 -1.71 -4.08 12.13
C VAL A 118 -2.98 -3.23 12.06
N VAL A 119 -3.94 -3.58 12.90
CA VAL A 119 -5.19 -2.80 13.01
C VAL A 119 -4.90 -1.61 13.90
N GLY A 120 -5.17 -0.42 13.40
CA GLY A 120 -4.91 0.81 14.16
C GLY A 120 -4.65 1.99 13.27
N ALA A 121 -4.55 3.18 13.88
CA ALA A 121 -4.32 4.42 13.15
C ALA A 121 -2.82 4.54 12.95
N SER A 122 -2.43 4.93 11.76
CA SER A 122 -1.00 5.08 11.44
C SER A 122 -0.28 5.95 12.47
N GLN A 123 -0.90 7.03 12.93
CA GLN A 123 -0.20 7.93 13.86
C GLN A 123 0.06 7.29 15.22
N ASP A 124 -0.75 6.29 15.60
CA ASP A 124 -0.59 5.54 16.84
C ASP A 124 0.42 4.40 16.67
N ILE A 125 0.44 3.78 15.48
CA ILE A 125 1.23 2.58 15.29
C ILE A 125 2.68 2.94 14.94
N ILE A 126 2.83 3.98 14.16
CA ILE A 126 4.16 4.31 13.68
C ILE A 126 5.27 4.57 14.71
N PRO A 127 5.01 5.33 15.80
CA PRO A 127 5.76 5.25 17.08
C PRO A 127 6.11 3.98 17.74
N GLN A 128 5.35 2.92 17.44
CA GLN A 128 5.56 1.62 18.07
C GLN A 128 6.37 0.68 17.19
N LEU A 129 6.61 1.05 15.92
CA LEU A 129 7.18 0.08 14.98
C LEU A 129 8.52 -0.46 15.44
N LYS A 130 9.37 0.41 15.97
CA LYS A 130 10.70 -0.05 16.37
C LYS A 130 10.60 -1.04 17.55
N LYS A 131 9.95 -0.60 18.61
CA LYS A 131 9.97 -1.31 19.93
C LYS A 131 9.03 -2.54 19.93
N LYS A 132 7.85 -2.38 19.30
CA LYS A 132 6.84 -3.46 19.25
C LYS A 132 6.95 -4.37 18.03
N TYR A 133 7.34 -3.83 16.88
CA TYR A 133 7.34 -4.59 15.62
C TYR A 133 8.74 -4.91 15.06
N ASP A 134 9.77 -4.68 15.89
CA ASP A 134 11.16 -5.12 15.59
C ASP A 134 11.67 -4.51 14.27
N VAL A 135 11.31 -3.26 14.04
CA VAL A 135 11.80 -2.52 12.87
C VAL A 135 13.03 -1.72 13.27
N ASP A 136 14.05 -1.75 12.39
CA ASP A 136 15.20 -0.85 12.47
C ASP A 136 14.84 0.42 11.64
N THR A 137 15.01 0.37 10.32
CA THR A 137 14.49 1.47 9.48
C THR A 137 13.72 0.85 8.33
N LEU A 138 13.00 1.65 7.55
CA LEU A 138 12.20 1.14 6.47
C LEU A 138 12.93 1.26 5.13
N ASP A 139 12.77 0.23 4.31
CA ASP A 139 13.34 0.25 2.98
C ASP A 139 12.42 1.01 2.05
N MET A 140 11.13 0.78 2.21
CA MET A 140 10.14 1.43 1.37
C MET A 140 8.82 1.65 2.14
N VAL A 141 8.15 2.77 1.85
CA VAL A 141 6.81 3.05 2.42
C VAL A 141 5.86 3.33 1.29
N PHE A 142 4.73 2.62 1.24
CA PHE A 142 3.64 2.93 0.30
C PHE A 142 2.52 3.71 1.05
N LEU A 143 2.29 4.97 0.67
CA LEU A 143 1.29 5.80 1.33
C LEU A 143 0.07 5.82 0.43
N ASP A 144 -1.05 5.28 0.94
CA ASP A 144 -2.30 5.21 0.19
C ASP A 144 -3.48 5.20 1.16
N HIS A 145 -3.36 5.98 2.25
CA HIS A 145 -4.43 6.16 3.24
C HIS A 145 -5.11 7.53 3.04
N TRP A 146 -5.69 8.13 4.09
CA TRP A 146 -6.33 9.45 3.86
C TRP A 146 -5.28 10.51 3.48
N LYS A 147 -5.56 11.26 2.41
CA LYS A 147 -4.52 12.02 1.75
C LYS A 147 -4.01 13.19 2.57
N ASP A 148 -4.82 13.66 3.51
CA ASP A 148 -4.41 14.72 4.43
C ASP A 148 -3.43 14.22 5.51
N ARG A 149 -3.21 12.90 5.53
CA ARG A 149 -2.32 12.30 6.51
C ARG A 149 -0.95 11.96 5.91
N TYR A 150 -0.80 12.09 4.60
CA TYR A 150 0.49 11.88 3.92
C TYR A 150 1.63 12.70 4.55
N LEU A 151 1.42 14.02 4.64
CA LEU A 151 2.43 14.90 5.26
C LEU A 151 2.69 14.60 6.77
N PRO A 152 1.66 14.65 7.63
CA PRO A 152 1.98 14.39 9.05
C PRO A 152 2.62 13.02 9.28
N ASP A 153 2.18 12.00 8.54
CA ASP A 153 2.81 10.67 8.70
C ASP A 153 4.25 10.58 8.20
N THR A 154 4.56 11.30 7.12
CA THR A 154 5.93 11.36 6.59
C THR A 154 6.84 12.06 7.62
N LEU A 155 6.34 13.15 8.20
CA LEU A 155 7.12 13.86 9.24
C LEU A 155 7.27 12.97 10.45
N LEU A 156 6.20 12.25 10.79
CA LEU A 156 6.25 11.34 11.96
C LEU A 156 7.24 10.19 11.73
N LEU A 157 7.27 9.62 10.53
CA LEU A 157 8.19 8.53 10.22
C LEU A 157 9.62 9.03 10.40
N GLU A 158 9.87 10.25 9.93
CA GLU A 158 11.19 10.88 10.09
C GLU A 158 11.52 11.12 11.56
N GLU A 159 10.56 11.68 12.30
CA GLU A 159 10.72 11.96 13.72
C GLU A 159 11.06 10.71 14.53
N CYS A 160 10.46 9.59 14.13
CA CYS A 160 10.61 8.30 14.83
C CYS A 160 11.86 7.52 14.42
N GLY A 161 12.68 8.12 13.55
CA GLY A 161 13.91 7.46 13.12
C GLY A 161 13.73 6.24 12.24
N LEU A 162 12.60 6.18 11.52
CA LEU A 162 12.28 5.04 10.66
C LEU A 162 12.77 5.19 9.23
N LEU A 163 13.21 6.41 8.91
CA LEU A 163 13.71 6.71 7.58
C LEU A 163 15.23 6.76 7.65
N ARG A 164 15.88 6.27 6.59
CA ARG A 164 17.34 6.30 6.46
C ARG A 164 17.68 6.83 5.09
N LYS A 165 18.93 7.26 4.89
CA LYS A 165 19.44 7.47 3.53
C LYS A 165 19.06 6.29 2.61
N GLY A 166 18.26 6.58 1.59
CA GLY A 166 17.88 5.56 0.65
C GLY A 166 16.47 5.00 0.79
N THR A 167 15.80 5.34 1.89
CA THR A 167 14.41 4.88 2.09
C THR A 167 13.54 5.46 0.97
N VAL A 168 12.73 4.60 0.37
CA VAL A 168 11.89 4.99 -0.77
C VAL A 168 10.47 5.23 -0.28
N LEU A 169 9.96 6.46 -0.41
CA LEU A 169 8.52 6.70 -0.19
C LEU A 169 7.79 6.66 -1.55
N LEU A 170 6.62 6.02 -1.62
CA LEU A 170 5.83 6.05 -2.85
C LEU A 170 4.40 6.38 -2.47
N ALA A 171 3.86 7.47 -3.02
CA ALA A 171 2.54 7.95 -2.59
C ALA A 171 1.56 7.87 -3.74
N ASP A 172 0.45 7.19 -3.51
CA ASP A 172 -0.60 7.14 -4.54
C ASP A 172 -1.38 8.45 -4.51
N ASN A 173 -2.05 8.79 -5.62
CA ASN A 173 -3.06 9.86 -5.64
C ASN A 173 -2.54 11.26 -5.41
N VAL A 174 -1.35 11.56 -5.90
CA VAL A 174 -0.83 12.93 -5.77
C VAL A 174 -1.49 13.89 -6.79
N ILE A 175 -2.33 13.35 -7.67
CA ILE A 175 -3.13 14.16 -8.61
C ILE A 175 -4.59 14.07 -8.26
N CYS A 176 -5.13 12.84 -8.22
CA CYS A 176 -6.53 12.60 -7.84
C CYS A 176 -6.64 11.87 -6.49
N PRO A 177 -7.05 12.59 -5.42
CA PRO A 177 -7.48 14.01 -5.42
C PRO A 177 -6.35 15.00 -5.16
N GLY A 178 -5.19 14.49 -4.75
CA GLY A 178 -4.06 15.34 -4.42
C GLY A 178 -3.66 15.32 -2.95
N ALA A 179 -2.40 15.59 -2.70
CA ALA A 179 -1.93 15.78 -1.34
C ALA A 179 -0.87 16.88 -1.42
N PRO A 180 -1.32 18.13 -1.68
CA PRO A 180 -0.40 19.19 -2.06
C PRO A 180 0.63 19.56 -0.97
N ASP A 181 0.26 19.46 0.29
CA ASP A 181 1.19 19.81 1.37
C ASP A 181 2.35 18.82 1.46
N PHE A 182 2.03 17.55 1.29
CA PHE A 182 3.02 16.48 1.19
C PHE A 182 3.90 16.72 -0.02
N LEU A 183 3.26 16.97 -1.16
CA LEU A 183 4.00 17.11 -2.39
C LEU A 183 4.98 18.30 -2.32
N ALA A 184 4.49 19.42 -1.79
CA ALA A 184 5.32 20.62 -1.59
C ALA A 184 6.49 20.32 -0.69
N HIS A 185 6.24 19.57 0.38
CA HIS A 185 7.29 19.22 1.33
C HIS A 185 8.40 18.37 0.72
N VAL A 186 8.04 17.26 0.07
CA VAL A 186 9.05 16.35 -0.48
C VAL A 186 9.78 16.99 -1.67
N ARG A 187 9.05 17.70 -2.53
CA ARG A 187 9.69 18.32 -3.70
C ARG A 187 10.60 19.48 -3.28
N GLY A 188 10.15 20.27 -2.32
CA GLY A 188 10.88 21.46 -1.83
C GLY A 188 12.05 21.17 -0.91
N SER A 189 12.04 19.99 -0.29
CA SER A 189 13.06 19.64 0.70
C SER A 189 14.30 19.00 0.07
N SER A 190 15.48 19.44 0.50
CA SER A 190 16.71 18.80 0.01
C SER A 190 16.88 17.40 0.61
N CYS A 191 16.02 17.06 1.57
CA CYS A 191 16.03 15.74 2.20
C CYS A 191 15.38 14.64 1.35
N PHE A 192 14.73 15.03 0.25
CA PHE A 192 14.07 14.04 -0.60
C PHE A 192 14.44 14.31 -2.03
N GLU A 193 14.69 13.26 -2.81
CA GLU A 193 14.80 13.40 -4.26
C GLU A 193 13.57 12.78 -4.88
N CYS A 194 12.82 13.57 -5.64
CA CYS A 194 11.49 13.13 -6.10
C CYS A 194 11.42 12.79 -7.58
N THR A 195 10.57 11.83 -7.89
CA THR A 195 10.30 11.44 -9.28
C THR A 195 8.77 11.33 -9.40
N HIS A 196 8.19 11.90 -10.47
CA HIS A 196 6.73 11.82 -10.65
C HIS A 196 6.33 10.79 -11.69
N TYR A 197 5.32 9.98 -11.37
CA TYR A 197 4.85 8.99 -12.32
C TYR A 197 3.40 9.27 -12.67
N GLN A 198 3.17 9.87 -13.83
CA GLN A 198 1.79 10.11 -14.25
C GLN A 198 1.17 8.81 -14.74
N SER A 199 -0.10 8.63 -14.43
CA SER A 199 -0.82 7.42 -14.83
C SER A 199 -2.31 7.74 -14.86
N PHE A 200 -3.12 6.78 -14.43
CA PHE A 200 -4.58 6.90 -14.38
C PHE A 200 -5.15 6.38 -13.10
N LEU A 201 -6.24 7.02 -12.66
CA LEU A 201 -7.01 6.57 -11.52
C LEU A 201 -7.52 5.15 -11.77
N GLU A 202 -7.44 4.32 -10.73
CA GLU A 202 -7.88 2.95 -10.83
C GLU A 202 -9.25 2.85 -11.49
N TYR A 203 -9.34 1.98 -12.49
CA TYR A 203 -10.62 1.63 -13.15
C TYR A 203 -11.27 2.76 -13.92
N ARG A 204 -10.56 3.86 -14.10
CA ARG A 204 -11.11 5.04 -14.77
C ARG A 204 -10.11 5.63 -15.75
N GLU A 205 -10.57 6.60 -16.54
CA GLU A 205 -9.71 7.29 -17.51
C GLU A 205 -9.22 8.61 -16.96
N VAL A 206 -9.53 8.89 -15.70
CA VAL A 206 -9.14 10.11 -15.04
C VAL A 206 -7.64 10.07 -14.81
N VAL A 207 -6.93 11.17 -15.14
CA VAL A 207 -5.51 11.27 -14.89
C VAL A 207 -5.21 11.20 -13.38
N ASP A 208 -4.18 10.44 -13.04
CA ASP A 208 -3.68 10.41 -11.67
C ASP A 208 -2.16 10.28 -11.73
N GLY A 209 -1.52 10.16 -10.56
CA GLY A 209 -0.08 9.96 -10.54
C GLY A 209 0.36 9.56 -9.16
N LEU A 210 1.58 9.03 -9.08
CA LEU A 210 2.23 8.73 -7.81
C LEU A 210 3.49 9.55 -7.75
N GLU A 211 4.01 9.75 -6.56
CA GLU A 211 5.28 10.43 -6.40
C GLU A 211 6.19 9.47 -5.66
N LYS A 212 7.41 9.30 -6.20
CA LYS A 212 8.44 8.59 -5.45
C LYS A 212 9.33 9.63 -4.82
N ALA A 213 9.58 9.53 -3.52
CA ALA A 213 10.52 10.41 -2.85
C ALA A 213 11.53 9.54 -2.09
N ILE A 214 12.78 9.66 -2.48
CA ILE A 214 13.90 8.97 -1.83
C ILE A 214 14.49 9.87 -0.77
N TYR A 215 14.53 9.36 0.46
CA TYR A 215 15.09 10.10 1.54
C TYR A 215 16.61 10.15 1.44
N LYS A 216 17.16 11.35 1.59
CA LYS A 216 18.60 11.58 1.42
C LYS A 216 19.37 11.49 2.73
N GLY A 217 18.64 11.40 3.83
CA GLY A 217 19.19 11.59 5.18
C GLY A 217 18.77 12.96 5.70
N PRO A 218 18.86 13.17 7.03
CA PRO A 218 18.47 14.43 7.68
C PRO A 218 19.42 15.59 7.37
#